data_8XTY
#
_entry.id   8XTY
#
_cell.length_a   1.00
_cell.length_b   1.00
_cell.length_c   1.00
_cell.angle_alpha   90.00
_cell.angle_beta   90.00
_cell.angle_gamma   90.00
#
_symmetry.space_group_name_H-M   'P 1'
#
loop_
_entity.id
_entity.type
_entity.pdbx_description
1 polymer 'Vesicular acetylcholine transporter,Green fluorescent protein,antibody'
2 non-polymer vesamicol
#
_entity_poly.entity_id   1
_entity_poly.type   'polypeptide(L)'
_entity_poly.pdbx_seq_one_letter_code
;MESAEPAGQARAAATKLSEAVGAALQSKGEELFTGVVPILVELDGDVNGHKFSVRGEGEGDATNGKLTLKFICTTGKLPV
PWPTLVTTLTYGVQCFSRYPDHMKRHDFFKSAMPEGYVQERTISFKDDGTYKTRAEVKFEGDTLVNRIELKGIDFKEDGN
ILGHKLEYNFNSHNVYITADKQKNGIKANFKIRHNVEDGSVQLADHYQQNTPIGDGPVLLPDNHYLSTQSVLSKDPNEKR
DHMVLLEFVTAAGIEPRRQRRLVLVIVCVALLLDNMLYMVIVPIVPDYIAHMRGGGEGPTRTPEVWEPTLPLPTPANASA
YTANTSASPTAAWPAGSALRPRYPTESEDVKIGVLFASKAILQLLVNPLSGPFIDRMSYDVPLLIGLGVMFASTVLFAFA
EDYATLFAARSLQGLGSAFADTSGIAMIADKYPEEPERSRALGVALAFISFGSLVAPPFGGILYEFAGKRVPFLVLAAVS
LFDALLLLAVAKPFSAAARARANLPVGTPIHRLMLDPYIAVVAGALTTCNIPLAFLEPTIATWMKHTMAASEWEMGMAWL
PAFVPHVLGVYLTVRLAARYPHLQWLYGALGLAVIGASSCIVPACRSFAPLVVSLCGLCFGIALVDTALLPTLAFLVDVR
HVSVYGSVYAIADISYSVAYALGPIVAGHIVHSLGFEQLSLGMGLANLLYAPVLLLLRNVGLLTGSGQVQLVESGGALVQ
PGGSLRLSCAASGFPVNRYSMRWYRQAPGKEREWVAGMSSAGDRSSYEDSVKGRFTISRDDARNTVYLQMNSLKPEDTAV
YYCNVNVGFEYWGQGTQVTVSMGWSHPQFEKGGGSGGGSGGSAWSHPQFEK
;
_entity_poly.pdbx_strand_id   A
#
# COMPACT_ATOMS: atom_id res chain seq x y z
N ARG A 258 12.77 11.07 22.21
CA ARG A 258 13.53 11.60 21.09
C ARG A 258 13.99 10.49 20.16
N GLN A 259 14.47 9.38 20.74
CA GLN A 259 14.92 8.26 19.93
C GLN A 259 13.75 7.65 19.13
N ARG A 260 12.59 7.50 19.77
CA ARG A 260 11.43 6.97 19.07
C ARG A 260 11.00 7.91 17.94
N ARG A 261 11.03 9.22 18.18
CA ARG A 261 10.64 10.17 17.15
C ARG A 261 11.62 10.20 15.99
N LEU A 262 12.92 10.02 16.28
CA LEU A 262 13.91 10.05 15.21
C LEU A 262 13.83 8.81 14.33
N VAL A 263 13.63 7.64 14.94
CA VAL A 263 13.55 6.41 14.17
C VAL A 263 12.29 6.37 13.32
N LEU A 264 11.18 6.91 13.84
CA LEU A 264 9.94 6.93 13.08
C LEU A 264 10.07 7.77 11.82
N VAL A 265 10.75 8.92 11.92
CA VAL A 265 10.94 9.77 10.75
C VAL A 265 11.78 9.07 9.70
N ILE A 266 12.84 8.38 10.13
CA ILE A 266 13.71 7.67 9.20
C ILE A 266 12.93 6.57 8.48
N VAL A 267 12.12 5.82 9.23
CA VAL A 267 11.33 4.75 8.62
C VAL A 267 10.29 5.33 7.66
N CYS A 268 9.66 6.44 8.05
CA CYS A 268 8.62 7.03 7.20
C CYS A 268 9.19 7.54 5.89
N VAL A 269 10.38 8.13 5.92
CA VAL A 269 10.99 8.65 4.70
C VAL A 269 11.26 7.51 3.71
N ALA A 270 11.68 6.35 4.22
CA ALA A 270 11.91 5.20 3.36
C ALA A 270 10.62 4.75 2.68
N LEU A 271 9.51 4.75 3.42
CA LEU A 271 8.23 4.34 2.83
C LEU A 271 7.76 5.33 1.77
N LEU A 272 8.06 6.62 1.94
CA LEU A 272 7.68 7.60 0.92
C LEU A 272 8.42 7.37 -0.39
N LEU A 273 9.72 7.04 -0.31
CA LEU A 273 10.50 6.86 -1.53
C LEU A 273 10.16 5.56 -2.23
N ASP A 274 9.87 4.51 -1.46
CA ASP A 274 9.56 3.22 -2.08
C ASP A 274 8.27 3.27 -2.88
N ASN A 275 7.23 3.89 -2.33
CA ASN A 275 5.94 3.95 -3.02
C ASN A 275 6.00 4.88 -4.22
N MET A 276 6.87 5.89 -4.19
CA MET A 276 7.04 6.76 -5.34
C MET A 276 7.69 6.02 -6.52
N LEU A 277 8.56 5.07 -6.23
CA LEU A 277 9.24 4.34 -7.30
C LEU A 277 8.33 3.33 -7.98
N TYR A 278 7.29 2.85 -7.29
CA TYR A 278 6.40 1.88 -7.89
C TYR A 278 5.46 2.49 -8.92
N MET A 279 5.28 3.81 -8.89
CA MET A 279 4.30 4.46 -9.77
C MET A 279 4.92 5.21 -10.93
N VAL A 280 6.12 5.79 -10.76
CA VAL A 280 6.71 6.62 -11.80
C VAL A 280 7.20 5.82 -13.00
N ILE A 281 7.27 4.49 -12.90
CA ILE A 281 7.78 3.68 -13.99
C ILE A 281 6.69 3.15 -14.91
N VAL A 282 5.43 3.16 -14.47
CA VAL A 282 4.35 2.62 -15.30
C VAL A 282 4.20 3.37 -16.62
N PRO A 283 4.18 4.71 -16.66
CA PRO A 283 4.09 5.38 -17.97
C PRO A 283 5.39 5.34 -18.76
N ILE A 284 6.53 5.24 -18.09
CA ILE A 284 7.82 5.28 -18.78
C ILE A 284 8.05 4.00 -19.59
N VAL A 285 7.65 2.85 -19.03
CA VAL A 285 8.03 1.56 -19.61
C VAL A 285 7.59 1.42 -21.07
N PRO A 286 6.36 1.76 -21.46
CA PRO A 286 5.97 1.55 -22.87
C PRO A 286 6.82 2.32 -23.87
N ASP A 287 7.49 3.39 -23.46
CA ASP A 287 8.33 4.15 -24.39
C ASP A 287 9.49 3.31 -24.91
N TYR A 288 10.12 2.53 -24.03
CA TYR A 288 11.31 1.76 -24.38
C TYR A 288 11.00 0.34 -24.85
N ILE A 289 9.74 -0.06 -24.86
CA ILE A 289 9.33 -1.38 -25.31
C ILE A 289 8.77 -1.35 -26.72
N ALA A 290 7.77 -0.50 -26.95
CA ALA A 290 7.14 -0.37 -28.26
C ALA A 290 6.61 1.03 -28.48
N GLU A 348 0.27 -8.58 -28.02
CA GLU A 348 1.52 -8.23 -27.35
C GLU A 348 1.22 -7.47 -26.06
N ASP A 349 -0.03 -7.04 -25.89
CA ASP A 349 -0.42 -6.34 -24.68
C ASP A 349 -0.41 -7.25 -23.46
N VAL A 350 -0.47 -8.57 -23.64
CA VAL A 350 -0.37 -9.48 -22.51
C VAL A 350 1.03 -9.44 -21.92
N LYS A 351 2.05 -9.32 -22.78
CA LYS A 351 3.43 -9.31 -22.30
C LYS A 351 3.70 -8.12 -21.40
N ILE A 352 3.16 -6.94 -21.76
CA ILE A 352 3.35 -5.76 -20.93
C ILE A 352 2.63 -5.90 -19.59
N GLY A 353 1.44 -6.51 -19.59
CA GLY A 353 0.70 -6.67 -18.35
C GLY A 353 1.43 -7.52 -17.33
N VAL A 354 2.08 -8.59 -17.78
CA VAL A 354 2.84 -9.45 -16.87
C VAL A 354 4.03 -8.69 -16.29
N LEU A 355 4.65 -7.81 -17.08
CA LEU A 355 5.78 -7.03 -16.56
C LEU A 355 5.35 -6.14 -15.41
N PHE A 356 4.22 -5.45 -15.54
CA PHE A 356 3.75 -4.58 -14.46
C PHE A 356 3.33 -5.40 -13.24
N ALA A 357 2.59 -6.49 -13.46
CA ALA A 357 2.16 -7.35 -12.37
C ALA A 357 3.22 -8.37 -12.01
N SER A 358 4.43 -7.90 -11.76
CA SER A 358 5.54 -8.75 -11.34
C SER A 358 6.08 -8.40 -9.98
N LYS A 359 5.97 -7.13 -9.56
CA LYS A 359 6.33 -6.76 -8.20
C LYS A 359 5.43 -7.42 -7.18
N ALA A 360 4.11 -7.45 -7.46
CA ALA A 360 3.17 -8.03 -6.52
C ALA A 360 3.20 -9.56 -6.51
N ILE A 361 3.61 -10.18 -7.62
CA ILE A 361 3.67 -11.63 -7.67
C ILE A 361 4.78 -12.16 -6.77
N LEU A 362 5.95 -11.50 -6.80
CA LEU A 362 7.05 -11.92 -5.93
C LEU A 362 6.78 -11.64 -4.47
N GLN A 363 5.87 -10.70 -4.15
CA GLN A 363 5.50 -10.47 -2.76
C GLN A 363 4.70 -11.65 -2.21
N LEU A 364 3.90 -12.31 -3.06
CA LEU A 364 3.14 -13.46 -2.60
C LEU A 364 4.03 -14.65 -2.32
N LEU A 365 5.12 -14.79 -3.07
CA LEU A 365 6.00 -15.94 -2.93
C LEU A 365 7.10 -15.76 -1.91
N VAL A 366 7.37 -14.52 -1.46
CA VAL A 366 8.44 -14.25 -0.54
C VAL A 366 7.93 -13.94 0.87
N ASN A 367 6.78 -13.29 1.00
CA ASN A 367 6.27 -12.93 2.32
C ASN A 367 6.09 -14.11 3.27
N PRO A 368 5.58 -15.28 2.85
CA PRO A 368 5.52 -16.42 3.77
C PRO A 368 6.88 -16.87 4.28
N LEU A 369 7.96 -16.57 3.55
CA LEU A 369 9.30 -16.93 3.99
C LEU A 369 10.00 -15.82 4.75
N SER A 370 9.77 -14.56 4.39
CA SER A 370 10.40 -13.44 5.07
C SER A 370 9.63 -12.97 6.30
N GLY A 371 8.46 -13.56 6.56
CA GLY A 371 7.68 -13.22 7.73
C GLY A 371 8.30 -13.78 9.00
N PRO A 372 8.39 -15.10 9.11
CA PRO A 372 9.04 -15.69 10.27
C PRO A 372 10.51 -15.31 10.41
N PHE A 373 11.18 -14.94 9.32
CA PHE A 373 12.57 -14.52 9.40
C PHE A 373 12.69 -13.21 10.18
N ILE A 374 11.72 -12.31 10.02
CA ILE A 374 11.72 -11.06 10.77
C ILE A 374 11.55 -11.33 12.26
N ASP A 375 10.73 -12.33 12.60
CA ASP A 375 10.50 -12.69 14.00
C ASP A 375 11.76 -13.22 14.68
N ARG A 376 12.79 -13.55 13.92
CA ARG A 376 13.98 -14.19 14.46
C ARG A 376 15.19 -13.28 14.54
N MET A 377 15.23 -12.20 13.76
CA MET A 377 16.40 -11.33 13.70
C MET A 377 16.00 -9.87 13.90
N SER A 378 15.06 -9.62 14.79
CA SER A 378 14.60 -8.26 15.16
C SER A 378 14.09 -7.56 13.90
N TYR A 379 14.14 -6.22 13.88
CA TYR A 379 13.55 -5.44 12.80
C TYR A 379 14.53 -4.48 12.12
N ASP A 380 15.84 -4.68 12.29
CA ASP A 380 16.83 -3.81 11.66
C ASP A 380 17.50 -4.45 10.46
N VAL A 381 17.99 -5.68 10.62
CA VAL A 381 18.67 -6.36 9.50
C VAL A 381 17.74 -6.55 8.31
N PRO A 382 16.50 -7.02 8.46
CA PRO A 382 15.62 -7.11 7.28
C PRO A 382 15.38 -5.77 6.60
N LEU A 383 15.26 -4.69 7.38
CA LEU A 383 15.08 -3.37 6.77
C LEU A 383 16.30 -2.96 5.97
N LEU A 384 17.50 -3.21 6.50
CA LEU A 384 18.71 -2.88 5.76
C LEU A 384 18.80 -3.70 4.47
N ILE A 385 18.45 -4.98 4.54
CA ILE A 385 18.49 -5.82 3.34
C ILE A 385 17.51 -5.31 2.29
N GLY A 386 16.31 -4.95 2.73
CA GLY A 386 15.30 -4.40 1.82
C GLY A 386 15.74 -3.12 1.16
N LEU A 387 16.34 -2.21 1.95
CA LEU A 387 16.84 -0.96 1.39
C LEU A 387 17.95 -1.21 0.37
N GLY A 388 18.85 -2.14 0.66
CA GLY A 388 19.89 -2.48 -0.30
C GLY A 388 19.32 -3.03 -1.59
N VAL A 389 18.33 -3.91 -1.49
CA VAL A 389 17.72 -4.48 -2.69
C VAL A 389 17.03 -3.40 -3.51
N MET A 390 16.32 -2.49 -2.85
CA MET A 390 15.65 -1.40 -3.57
C MET A 390 16.66 -0.47 -4.24
N PHE A 391 17.78 -0.19 -3.57
CA PHE A 391 18.82 0.63 -4.19
C PHE A 391 19.37 -0.04 -5.44
N ALA A 392 19.64 -1.34 -5.36
CA ALA A 392 20.14 -2.07 -6.52
C ALA A 392 19.12 -2.04 -7.65
N SER A 393 17.84 -2.20 -7.32
CA SER A 393 16.78 -2.17 -8.32
C SER A 393 16.70 -0.81 -9.01
N THR A 394 16.82 0.27 -8.24
CA THR A 394 16.79 1.61 -8.84
C THR A 394 17.98 1.82 -9.77
N VAL A 395 19.18 1.40 -9.33
CA VAL A 395 20.36 1.56 -10.18
C VAL A 395 20.19 0.76 -11.47
N LEU A 396 19.37 -0.25 -11.58
CA LEU A 396 19.32 -0.97 -12.87
C LEU A 396 18.21 -0.42 -13.75
N PHE A 397 17.37 0.49 -13.31
CA PHE A 397 16.31 1.11 -14.13
C PHE A 397 16.95 2.26 -14.89
N ALA A 398 17.81 3.02 -14.29
CA ALA A 398 18.54 4.02 -15.03
C ALA A 398 19.27 3.36 -16.15
N PHE A 399 19.93 2.23 -15.89
CA PHE A 399 20.55 1.68 -17.10
C PHE A 399 19.71 0.49 -17.59
N ALA A 400 18.53 0.76 -18.13
CA ALA A 400 17.66 -0.30 -18.62
C ALA A 400 16.88 0.20 -19.82
N GLU A 401 16.99 -0.49 -20.95
CA GLU A 401 16.28 -0.13 -22.18
C GLU A 401 15.77 -1.34 -22.93
N ASP A 402 15.60 -2.47 -22.23
CA ASP A 402 15.09 -3.68 -22.87
C ASP A 402 13.88 -4.23 -22.13
N TYR A 403 13.43 -5.41 -22.52
CA TYR A 403 12.33 -6.09 -21.84
C TYR A 403 12.80 -6.91 -20.64
N ALA A 404 13.83 -7.73 -20.83
CA ALA A 404 14.33 -8.57 -19.75
C ALA A 404 14.89 -7.74 -18.59
N THR A 405 15.61 -6.67 -18.91
CA THR A 405 16.18 -5.82 -17.87
C THR A 405 15.09 -5.16 -17.04
N LEU A 406 14.05 -4.65 -17.69
CA LEU A 406 12.94 -4.03 -16.96
C LEU A 406 12.18 -5.07 -16.14
N PHE A 407 12.01 -6.28 -16.68
CA PHE A 407 11.38 -7.35 -15.93
C PHE A 407 12.17 -7.66 -14.66
N ALA A 408 13.49 -7.78 -14.78
CA ALA A 408 14.34 -8.06 -13.62
C ALA A 408 14.27 -6.92 -12.62
N ALA A 409 14.27 -5.67 -13.09
CA ALA A 409 14.18 -4.54 -12.18
C ALA A 409 12.86 -4.53 -11.41
N ARG A 410 11.75 -4.82 -12.09
CA ARG A 410 10.46 -4.86 -11.41
C ARG A 410 10.41 -6.00 -10.39
N SER A 411 10.96 -7.17 -10.74
CA SER A 411 10.99 -8.27 -9.78
C SER A 411 11.83 -7.94 -8.56
N LEU A 412 12.97 -7.27 -8.78
CA LEU A 412 13.81 -6.85 -7.65
C LEU A 412 13.07 -5.83 -6.79
N GLN A 413 12.30 -4.94 -7.42
CA GLN A 413 11.46 -4.02 -6.66
C GLN A 413 10.47 -4.77 -5.78
N GLY A 414 9.85 -5.81 -6.32
CA GLY A 414 8.92 -6.60 -5.52
C GLY A 414 9.59 -7.28 -4.34
N LEU A 415 10.75 -7.88 -4.56
CA LEU A 415 11.47 -8.54 -3.47
C LEU A 415 11.89 -7.53 -2.39
N GLY A 416 12.40 -6.38 -2.81
CA GLY A 416 12.78 -5.36 -1.84
C GLY A 416 11.60 -4.84 -1.06
N SER A 417 10.46 -4.65 -1.72
CA SER A 417 9.25 -4.23 -1.01
C SER A 417 8.84 -5.25 0.03
N ALA A 418 8.85 -6.53 -0.36
CA ALA A 418 8.46 -7.59 0.57
C ALA A 418 9.38 -7.61 1.80
N PHE A 419 10.68 -7.39 1.60
CA PHE A 419 11.58 -7.40 2.74
C PHE A 419 11.52 -6.11 3.57
N ALA A 420 11.20 -4.98 2.97
CA ALA A 420 11.39 -3.70 3.64
C ALA A 420 10.10 -3.06 4.17
N ASP A 421 8.92 -3.47 3.70
CA ASP A 421 7.70 -2.85 4.21
C ASP A 421 7.22 -3.50 5.50
N THR A 422 7.22 -4.83 5.52
CA THR A 422 6.79 -5.56 6.71
C THR A 422 7.68 -5.24 7.91
N SER A 423 8.99 -5.19 7.70
CA SER A 423 9.91 -4.91 8.79
C SER A 423 9.69 -3.50 9.34
N GLY A 424 9.47 -2.53 8.47
CA GLY A 424 9.22 -1.17 8.93
C GLY A 424 7.95 -1.04 9.73
N ILE A 425 6.86 -1.65 9.23
CA ILE A 425 5.59 -1.60 9.96
C ILE A 425 5.72 -2.31 11.30
N ALA A 426 6.42 -3.46 11.32
CA ALA A 426 6.61 -4.19 12.56
C ALA A 426 7.45 -3.38 13.56
N MET A 427 8.48 -2.68 13.09
CA MET A 427 9.27 -1.86 13.98
C MET A 427 8.45 -0.71 14.56
N ILE A 428 7.61 -0.09 13.73
CA ILE A 428 6.75 0.98 14.24
C ILE A 428 5.80 0.44 15.30
N ALA A 429 5.24 -0.75 15.07
CA ALA A 429 4.35 -1.34 16.06
C ALA A 429 5.09 -1.70 17.35
N ASP A 430 6.33 -2.18 17.23
CA ASP A 430 7.08 -2.62 18.40
C ASP A 430 7.58 -1.45 19.25
N LYS A 431 8.01 -0.37 18.61
CA LYS A 431 8.54 0.77 19.36
C LYS A 431 7.47 1.55 20.11
N TYR A 432 6.19 1.34 19.78
CA TYR A 432 5.08 2.05 20.42
C TYR A 432 4.12 0.99 20.98
N PRO A 433 4.38 0.49 22.19
CA PRO A 433 3.55 -0.58 22.75
C PRO A 433 2.28 -0.14 23.46
N GLU A 434 1.98 1.16 23.48
CA GLU A 434 0.81 1.67 24.18
C GLU A 434 -0.28 2.06 23.20
N GLU A 435 -1.52 1.74 23.57
CA GLU A 435 -2.65 1.95 22.65
C GLU A 435 -2.84 3.40 22.23
N PRO A 436 -2.82 4.40 23.11
CA PRO A 436 -3.09 5.78 22.66
C PRO A 436 -2.10 6.29 21.62
N GLU A 437 -0.82 5.93 21.71
CA GLU A 437 0.22 6.49 20.87
C GLU A 437 0.68 5.53 19.78
N ARG A 438 0.00 4.38 19.62
CA ARG A 438 0.29 3.44 18.56
C ARG A 438 -0.45 3.80 17.27
N SER A 439 -1.75 4.09 17.37
CA SER A 439 -2.49 4.54 16.21
C SER A 439 -1.97 5.88 15.71
N ARG A 440 -1.56 6.77 16.61
CA ARG A 440 -1.00 8.05 16.20
C ARG A 440 0.28 7.86 15.39
N ALA A 441 1.13 6.93 15.81
CA ALA A 441 2.37 6.68 15.09
C ALA A 441 2.11 6.00 13.75
N LEU A 442 1.10 5.11 13.69
CA LEU A 442 0.81 4.45 12.43
C LEU A 442 0.13 5.38 11.43
N GLY A 443 -0.62 6.36 11.92
CA GLY A 443 -1.25 7.31 11.02
C GLY A 443 -0.24 8.14 10.25
N VAL A 444 0.88 8.50 10.88
CA VAL A 444 1.92 9.26 10.19
C VAL A 444 2.52 8.43 9.05
N ALA A 445 2.77 7.15 9.30
CA ALA A 445 3.29 6.28 8.24
C ALA A 445 2.29 6.15 7.11
N LEU A 446 1.02 5.99 7.43
CA LEU A 446 0.00 5.90 6.38
C LEU A 446 -0.07 7.19 5.56
N ALA A 447 0.03 8.34 6.22
CA ALA A 447 0.03 9.62 5.50
C ALA A 447 1.23 9.74 4.58
N PHE A 448 2.41 9.32 5.06
CA PHE A 448 3.59 9.35 4.20
C PHE A 448 3.43 8.45 2.99
N ILE A 449 2.89 7.25 3.20
CA ILE A 449 2.68 6.31 2.10
C ILE A 449 1.72 6.91 1.07
N SER A 450 0.62 7.49 1.55
CA SER A 450 -0.36 8.08 0.63
C SER A 450 0.24 9.25 -0.14
N PHE A 451 1.02 10.10 0.53
CA PHE A 451 1.66 11.20 -0.16
C PHE A 451 2.57 10.70 -1.26
N GLY A 452 3.45 9.75 -0.93
CA GLY A 452 4.36 9.21 -1.94
C GLY A 452 3.65 8.54 -3.09
N SER A 453 2.51 7.90 -2.82
CA SER A 453 1.78 7.21 -3.87
C SER A 453 0.90 8.12 -4.72
N LEU A 454 0.50 9.29 -4.21
CA LEU A 454 -0.46 10.14 -4.90
C LEU A 454 0.13 11.41 -5.48
N VAL A 455 0.98 12.13 -4.74
CA VAL A 455 1.34 13.49 -5.13
C VAL A 455 2.59 13.52 -6.00
N ALA A 456 3.54 12.64 -5.74
CA ALA A 456 4.84 12.69 -6.39
C ALA A 456 4.86 12.25 -7.85
N PRO A 457 4.18 11.16 -8.24
CA PRO A 457 4.30 10.68 -9.65
C PRO A 457 3.85 11.72 -10.66
N PRO A 458 2.84 12.55 -10.37
CA PRO A 458 2.55 13.66 -11.30
C PRO A 458 3.75 14.54 -11.60
N PHE A 459 4.56 14.85 -10.59
CA PHE A 459 5.74 15.68 -10.82
C PHE A 459 6.88 14.88 -11.45
N GLY A 460 7.00 13.60 -11.10
CA GLY A 460 7.99 12.76 -11.74
C GLY A 460 7.77 12.62 -13.23
N GLY A 461 6.50 12.54 -13.66
CA GLY A 461 6.21 12.48 -15.08
C GLY A 461 6.61 13.75 -15.81
N ILE A 462 6.46 14.91 -15.17
CA ILE A 462 6.90 16.16 -15.77
C ILE A 462 8.41 16.24 -15.83
N LEU A 463 9.09 15.77 -14.78
CA LEU A 463 10.56 15.78 -14.76
C LEU A 463 11.15 14.83 -15.80
N TYR A 464 10.49 13.69 -16.04
CA TYR A 464 11.02 12.73 -17.02
C TYR A 464 11.07 13.32 -18.42
N GLU A 465 10.03 14.06 -18.81
CA GLU A 465 9.98 14.64 -20.14
C GLU A 465 11.03 15.74 -20.34
N PHE A 466 11.65 16.22 -19.26
CA PHE A 466 12.62 17.30 -19.35
C PHE A 466 14.06 16.87 -19.13
N ALA A 467 14.30 15.87 -18.27
CA ALA A 467 15.67 15.48 -17.93
C ALA A 467 15.96 14.01 -18.18
N GLY A 468 15.04 13.27 -18.80
CA GLY A 468 15.27 11.86 -19.01
C GLY A 468 15.06 11.03 -17.74
N LYS A 469 15.50 9.78 -17.81
CA LYS A 469 15.33 8.85 -16.71
C LYS A 469 16.64 8.39 -16.09
N ARG A 470 17.78 8.83 -16.62
CA ARG A 470 19.06 8.39 -16.07
C ARG A 470 19.40 9.13 -14.78
N VAL A 471 19.53 10.47 -14.86
CA VAL A 471 19.95 11.24 -13.70
C VAL A 471 18.93 11.19 -12.55
N PRO A 472 17.62 11.38 -12.79
CA PRO A 472 16.69 11.35 -11.65
C PRO A 472 16.71 10.05 -10.87
N PHE A 473 16.83 8.91 -11.54
CA PHE A 473 16.86 7.64 -10.84
C PHE A 473 18.14 7.50 -10.02
N LEU A 474 19.27 7.98 -10.54
CA LEU A 474 20.50 7.96 -9.77
C LEU A 474 20.39 8.85 -8.53
N VAL A 475 19.76 10.01 -8.67
CA VAL A 475 19.57 10.90 -7.52
C VAL A 475 18.69 10.23 -6.47
N LEU A 476 17.62 9.57 -6.91
CA LEU A 476 16.75 8.86 -5.96
C LEU A 476 17.50 7.74 -5.27
N ALA A 477 18.33 7.00 -6.00
CA ALA A 477 19.13 5.94 -5.40
C ALA A 477 20.11 6.50 -4.36
N ALA A 478 20.73 7.64 -4.67
CA ALA A 478 21.63 8.26 -3.71
C ALA A 478 20.88 8.68 -2.44
N VAL A 479 19.67 9.23 -2.60
CA VAL A 479 18.88 9.61 -1.44
C VAL A 479 18.54 8.39 -0.60
N SER A 480 18.15 7.29 -1.24
CA SER A 480 17.84 6.07 -0.51
C SER A 480 19.06 5.54 0.24
N LEU A 481 20.24 5.59 -0.39
CA LEU A 481 21.45 5.15 0.28
C LEU A 481 21.78 6.03 1.48
N PHE A 482 21.57 7.35 1.34
CA PHE A 482 21.80 8.24 2.47
C PHE A 482 20.87 7.93 3.64
N ASP A 483 19.60 7.65 3.34
CA ASP A 483 18.66 7.29 4.40
C ASP A 483 19.06 5.98 5.06
N ALA A 484 19.53 5.01 4.27
CA ALA A 484 19.96 3.74 4.84
C ALA A 484 21.18 3.94 5.74
N LEU A 485 22.12 4.78 5.33
CA LEU A 485 23.27 5.07 6.17
C LEU A 485 22.86 5.74 7.48
N LEU A 486 21.90 6.67 7.40
CA LEU A 486 21.39 7.30 8.62
C LEU A 486 20.77 6.28 9.56
N LEU A 487 19.98 5.36 9.01
CA LEU A 487 19.38 4.31 9.84
C LEU A 487 20.46 3.43 10.47
N LEU A 488 21.47 3.06 9.70
CA LEU A 488 22.56 2.23 10.24
C LEU A 488 23.29 2.94 11.37
N ALA A 489 23.54 4.24 11.21
CA ALA A 489 24.22 4.98 12.27
C ALA A 489 23.36 5.11 13.51
N VAL A 490 22.07 5.41 13.35
CA VAL A 490 21.22 5.67 14.51
C VAL A 490 20.91 4.38 15.27
N ALA A 491 20.51 3.33 14.55
CA ALA A 491 20.06 2.11 15.22
C ALA A 491 21.22 1.37 15.88
N LYS A 492 22.38 1.35 15.23
CA LYS A 492 23.55 0.58 15.67
C LYS A 492 23.18 -0.89 15.87
N PRO A 493 22.85 -1.62 14.80
CA PRO A 493 22.50 -3.04 14.96
C PRO A 493 23.64 -3.90 15.46
N PHE A 494 24.90 -3.47 15.30
CA PHE A 494 26.06 -4.27 15.66
C PHE A 494 26.79 -3.69 16.86
N SER A 495 26.05 -3.17 17.83
CA SER A 495 26.65 -2.61 19.04
C SER A 495 26.71 -3.69 20.13
N ALA A 496 27.03 -3.28 21.35
CA ALA A 496 27.09 -4.20 22.48
C ALA A 496 25.73 -4.41 23.11
N PRO A 505 11.42 -14.38 22.11
CA PRO A 505 10.63 -15.60 22.30
C PRO A 505 10.20 -16.22 20.97
N VAL A 506 9.78 -17.48 21.00
CA VAL A 506 9.35 -18.15 19.78
C VAL A 506 7.94 -17.68 19.41
N GLY A 507 7.79 -17.19 18.19
CA GLY A 507 6.51 -16.67 17.77
C GLY A 507 5.58 -17.74 17.23
N THR A 508 4.31 -17.36 17.09
CA THR A 508 3.31 -18.27 16.55
C THR A 508 3.55 -18.49 15.07
N PRO A 509 3.48 -19.73 14.58
CA PRO A 509 3.69 -19.98 13.15
C PRO A 509 2.67 -19.24 12.30
N ILE A 510 3.10 -18.84 11.10
CA ILE A 510 2.25 -18.04 10.23
C ILE A 510 1.05 -18.84 9.76
N HIS A 511 1.23 -20.14 9.52
CA HIS A 511 0.10 -20.96 9.06
C HIS A 511 -0.96 -21.11 10.14
N ARG A 512 -0.56 -21.20 11.41
CA ARG A 512 -1.48 -21.30 12.53
C ARG A 512 -2.08 -19.96 12.92
N LEU A 513 -1.38 -18.86 12.66
CA LEU A 513 -1.93 -17.53 12.94
C LEU A 513 -3.17 -17.25 12.12
N MET A 514 -3.21 -17.71 10.87
CA MET A 514 -4.38 -17.50 10.01
C MET A 514 -5.57 -18.36 10.40
N LEU A 515 -5.37 -19.34 11.28
CA LEU A 515 -6.48 -20.14 11.79
C LEU A 515 -7.28 -19.41 12.86
N ASP A 516 -6.82 -18.25 13.32
CA ASP A 516 -7.57 -17.45 14.28
C ASP A 516 -8.73 -16.76 13.56
N PRO A 517 -9.97 -16.94 14.02
CA PRO A 517 -11.11 -16.31 13.32
C PRO A 517 -11.06 -14.79 13.31
N TYR A 518 -10.36 -14.15 14.25
CA TYR A 518 -10.34 -12.70 14.32
C TYR A 518 -9.33 -12.07 13.36
N ILE A 519 -8.40 -12.85 12.82
CA ILE A 519 -7.43 -12.34 11.86
C ILE A 519 -7.83 -12.65 10.42
N ALA A 520 -8.54 -13.75 10.18
CA ALA A 520 -9.01 -14.05 8.83
C ALA A 520 -9.98 -12.98 8.33
N VAL A 521 -10.85 -12.48 9.21
CA VAL A 521 -11.79 -11.44 8.81
C VAL A 521 -11.06 -10.15 8.48
N VAL A 522 -10.01 -9.81 9.23
CA VAL A 522 -9.24 -8.61 8.94
C VAL A 522 -8.51 -8.75 7.61
N ALA A 523 -7.94 -9.92 7.35
CA ALA A 523 -7.28 -10.15 6.06
C ALA A 523 -8.27 -10.04 4.91
N GLY A 524 -9.46 -10.61 5.07
CA GLY A 524 -10.48 -10.48 4.05
C GLY A 524 -10.89 -9.04 3.82
N ALA A 525 -11.03 -8.27 4.91
CA ALA A 525 -11.39 -6.86 4.78
C ALA A 525 -10.32 -6.09 4.02
N LEU A 526 -9.05 -6.35 4.32
CA LEU A 526 -7.98 -5.65 3.62
C LEU A 526 -7.94 -6.00 2.14
N THR A 527 -8.05 -7.30 1.82
CA THR A 527 -7.99 -7.69 0.42
C THR A 527 -9.22 -7.22 -0.35
N THR A 528 -10.36 -7.06 0.32
CA THR A 528 -11.54 -6.53 -0.35
C THR A 528 -11.45 -5.02 -0.53
N CYS A 529 -10.87 -4.30 0.43
CA CYS A 529 -10.77 -2.86 0.32
C CYS A 529 -9.71 -2.42 -0.67
N ASN A 530 -8.69 -3.24 -0.92
CA ASN A 530 -7.63 -2.87 -1.85
C ASN A 530 -7.96 -3.15 -3.30
N ILE A 531 -9.16 -3.63 -3.62
CA ILE A 531 -9.50 -4.05 -4.97
C ILE A 531 -9.84 -2.86 -5.88
N PRO A 532 -10.66 -1.88 -5.46
CA PRO A 532 -10.99 -0.78 -6.39
C PRO A 532 -9.80 -0.05 -6.96
N LEU A 533 -8.79 0.27 -6.15
CA LEU A 533 -7.62 0.98 -6.68
C LEU A 533 -6.89 0.13 -7.71
N ALA A 534 -6.66 -1.14 -7.39
CA ALA A 534 -5.90 -2.01 -8.29
C ALA A 534 -6.63 -2.22 -9.61
N PHE A 535 -7.96 -2.34 -9.57
CA PHE A 535 -8.72 -2.57 -10.79
C PHE A 535 -9.11 -1.28 -11.51
N LEU A 536 -8.90 -0.12 -10.89
CA LEU A 536 -9.27 1.14 -11.53
C LEU A 536 -8.08 1.92 -12.06
N GLU A 537 -6.88 1.71 -11.51
CA GLU A 537 -5.71 2.43 -12.01
C GLU A 537 -5.40 2.15 -13.48
N PRO A 538 -5.37 0.90 -13.96
CA PRO A 538 -4.95 0.68 -15.36
C PRO A 538 -6.03 0.94 -16.39
N THR A 539 -7.29 1.15 -16.00
CA THR A 539 -8.38 1.26 -16.97
C THR A 539 -9.32 2.41 -16.63
N ILE A 540 -8.75 3.56 -16.28
CA ILE A 540 -9.54 4.76 -16.06
C ILE A 540 -9.24 5.86 -17.08
N ALA A 541 -8.00 6.00 -17.52
CA ALA A 541 -7.65 7.04 -18.48
C ALA A 541 -8.33 6.79 -19.83
N THR A 542 -8.39 5.53 -20.26
CA THR A 542 -9.05 5.22 -21.52
C THR A 542 -10.53 5.57 -21.48
N TRP A 543 -11.20 5.22 -20.38
CA TRP A 543 -12.62 5.57 -20.25
C TRP A 543 -12.81 7.08 -20.19
N MET A 544 -11.93 7.79 -19.47
CA MET A 544 -12.04 9.23 -19.40
C MET A 544 -11.89 9.86 -20.77
N LYS A 545 -10.91 9.40 -21.55
CA LYS A 545 -10.72 9.92 -22.91
C LYS A 545 -11.91 9.61 -23.81
N HIS A 546 -12.44 8.40 -23.70
CA HIS A 546 -13.53 7.99 -24.58
C HIS A 546 -14.88 8.62 -24.21
N THR A 547 -15.05 9.03 -22.95
CA THR A 547 -16.33 9.58 -22.51
C THR A 547 -16.32 11.10 -22.40
N MET A 548 -15.39 11.66 -21.64
CA MET A 548 -15.36 13.10 -21.40
C MET A 548 -14.46 13.85 -22.36
N ALA A 549 -13.74 13.16 -23.24
CA ALA A 549 -12.76 13.78 -24.13
C ALA A 549 -11.76 14.62 -23.35
N ALA A 550 -11.27 14.05 -22.25
CA ALA A 550 -10.42 14.78 -21.33
C ALA A 550 -9.07 15.10 -21.95
N SER A 551 -8.47 16.19 -21.48
CA SER A 551 -7.16 16.61 -21.93
C SER A 551 -6.06 15.84 -21.18
N GLU A 552 -4.82 16.08 -21.58
CA GLU A 552 -3.69 15.42 -20.92
C GLU A 552 -3.57 15.86 -19.47
N TRP A 553 -3.76 17.15 -19.20
CA TRP A 553 -3.70 17.62 -17.81
C TRP A 553 -4.83 17.03 -16.98
N GLU A 554 -6.03 16.94 -17.55
CA GLU A 554 -7.14 16.33 -16.83
C GLU A 554 -6.88 14.85 -16.58
N MET A 555 -6.30 14.16 -17.57
CA MET A 555 -6.02 12.73 -17.43
C MET A 555 -4.85 12.45 -16.49
N GLY A 556 -3.98 13.43 -16.25
CA GLY A 556 -2.83 13.23 -15.41
C GLY A 556 -3.02 13.69 -13.98
N MET A 557 -3.63 14.86 -13.79
CA MET A 557 -3.85 15.43 -12.46
C MET A 557 -5.25 15.05 -11.96
N ALA A 558 -5.47 13.74 -11.87
CA ALA A 558 -6.75 13.21 -11.45
C ALA A 558 -6.77 12.73 -10.00
N TRP A 559 -5.74 12.00 -9.57
CA TRP A 559 -5.66 11.51 -8.21
C TRP A 559 -4.96 12.46 -7.26
N LEU A 560 -4.40 13.55 -7.75
CA LEU A 560 -3.68 14.48 -6.88
C LEU A 560 -4.56 15.13 -5.82
N PRO A 561 -5.73 15.71 -6.14
CA PRO A 561 -6.49 16.41 -5.09
C PRO A 561 -7.15 15.47 -4.09
N ALA A 562 -6.91 14.17 -4.22
CA ALA A 562 -7.45 13.17 -3.31
C ALA A 562 -6.59 12.95 -2.08
N PHE A 563 -5.47 13.68 -1.97
CA PHE A 563 -4.57 13.52 -0.83
C PHE A 563 -5.15 14.16 0.43
N VAL A 564 -5.83 15.30 0.30
CA VAL A 564 -6.40 15.97 1.46
C VAL A 564 -7.46 15.13 2.15
N PRO A 565 -8.43 14.52 1.45
CA PRO A 565 -9.38 13.64 2.15
C PRO A 565 -8.73 12.48 2.87
N HIS A 566 -7.62 11.94 2.34
CA HIS A 566 -6.96 10.82 2.99
C HIS A 566 -6.40 11.22 4.36
N VAL A 567 -5.65 12.32 4.40
CA VAL A 567 -5.08 12.75 5.67
C VAL A 567 -6.17 13.21 6.62
N LEU A 568 -7.23 13.85 6.11
CA LEU A 568 -8.35 14.22 6.97
C LEU A 568 -9.00 13.00 7.59
N GLY A 569 -9.21 11.94 6.80
CA GLY A 569 -9.79 10.73 7.35
C GLY A 569 -8.89 10.05 8.36
N VAL A 570 -7.58 10.04 8.10
CA VAL A 570 -6.63 9.45 9.05
C VAL A 570 -6.67 10.21 10.37
N TYR A 571 -6.64 11.55 10.31
CA TYR A 571 -6.69 12.35 11.52
C TYR A 571 -8.00 12.15 12.28
N LEU A 572 -9.12 12.09 11.55
CA LEU A 572 -10.41 11.87 12.21
C LEU A 572 -10.47 10.52 12.89
N THR A 573 -9.97 9.47 12.23
CA THR A 573 -9.95 8.15 12.84
C THR A 573 -9.06 8.13 14.08
N VAL A 574 -7.90 8.77 14.01
CA VAL A 574 -7.01 8.80 15.18
C VAL A 574 -7.66 9.54 16.33
N ARG A 575 -8.32 10.66 16.06
CA ARG A 575 -8.99 11.41 17.11
C ARG A 575 -10.15 10.62 17.71
N LEU A 576 -10.92 9.92 16.89
CA LEU A 576 -12.07 9.18 17.39
C LEU A 576 -11.67 7.90 18.12
N ALA A 577 -10.51 7.32 17.81
CA ALA A 577 -10.07 6.11 18.49
C ALA A 577 -9.52 6.37 19.89
N ALA A 578 -9.29 7.63 20.25
CA ALA A 578 -8.78 7.97 21.57
C ALA A 578 -9.87 8.36 22.56
N ARG A 579 -11.04 8.77 22.08
CA ARG A 579 -12.15 9.10 22.96
C ARG A 579 -13.08 7.92 23.19
N TYR A 580 -13.23 7.03 22.21
CA TYR A 580 -14.04 5.82 22.32
C TYR A 580 -13.17 4.65 21.91
N PRO A 581 -12.35 4.12 22.82
CA PRO A 581 -11.37 3.08 22.48
C PRO A 581 -11.93 1.67 22.47
N HIS A 582 -13.17 1.52 22.02
CA HIS A 582 -13.76 0.19 21.86
C HIS A 582 -14.50 -0.01 20.55
N LEU A 583 -14.79 1.03 19.78
CA LEU A 583 -15.47 0.89 18.49
C LEU A 583 -14.48 0.97 17.33
N GLN A 584 -13.56 0.01 17.28
CA GLN A 584 -12.64 -0.09 16.16
C GLN A 584 -13.22 -0.86 14.98
N TRP A 585 -14.38 -1.50 15.16
CA TRP A 585 -15.05 -2.19 14.07
C TRP A 585 -16.03 -1.29 13.33
N LEU A 586 -16.64 -0.34 14.03
CA LEU A 586 -17.57 0.58 13.41
C LEU A 586 -16.88 1.43 12.35
N TYR A 587 -15.66 1.90 12.65
CA TYR A 587 -14.93 2.72 11.69
C TYR A 587 -14.60 1.93 10.43
N GLY A 588 -14.18 0.67 10.59
CA GLY A 588 -13.91 -0.16 9.43
C GLY A 588 -15.16 -0.42 8.60
N ALA A 589 -16.28 -0.70 9.27
CA ALA A 589 -17.53 -0.91 8.53
C ALA A 589 -17.95 0.34 7.76
N LEU A 590 -17.84 1.51 8.40
CA LEU A 590 -18.19 2.75 7.72
C LEU A 590 -17.26 3.00 6.54
N GLY A 591 -15.97 2.73 6.70
CA GLY A 591 -15.04 2.90 5.59
C GLY A 591 -15.36 1.99 4.42
N LEU A 592 -15.69 0.73 4.71
CA LEU A 592 -16.06 -0.20 3.65
C LEU A 592 -17.31 0.26 2.92
N ALA A 593 -18.32 0.73 3.67
CA ALA A 593 -19.54 1.22 3.03
C ALA A 593 -19.27 2.44 2.17
N VAL A 594 -18.42 3.36 2.65
CA VAL A 594 -18.08 4.55 1.87
C VAL A 594 -17.36 4.16 0.58
N ILE A 595 -16.43 3.21 0.67
CA ILE A 595 -15.72 2.75 -0.51
C ILE A 595 -16.69 2.14 -1.52
N GLY A 596 -17.62 1.31 -1.05
CA GLY A 596 -18.59 0.72 -1.95
C GLY A 596 -19.47 1.76 -2.63
N ALA A 597 -19.95 2.73 -1.86
CA ALA A 597 -20.79 3.78 -2.44
C ALA A 597 -20.03 4.59 -3.49
N SER A 598 -18.77 4.95 -3.18
CA SER A 598 -17.98 5.72 -4.14
C SER A 598 -17.71 4.92 -5.41
N SER A 599 -17.42 3.63 -5.26
CA SER A 599 -17.19 2.78 -6.43
C SER A 599 -18.45 2.69 -7.29
N CYS A 600 -19.62 2.56 -6.65
CA CYS A 600 -20.86 2.50 -7.42
C CYS A 600 -21.16 3.84 -8.09
N ILE A 601 -20.73 4.95 -7.49
CA ILE A 601 -21.03 6.26 -8.06
C ILE A 601 -20.08 6.62 -9.20
N VAL A 602 -18.85 6.07 -9.19
CA VAL A 602 -17.84 6.44 -10.18
C VAL A 602 -18.35 6.36 -11.62
N PRO A 603 -18.98 5.26 -12.08
CA PRO A 603 -19.35 5.19 -13.51
C PRO A 603 -20.41 6.19 -13.93
N ALA A 604 -21.11 6.82 -12.99
CA ALA A 604 -22.19 7.76 -13.31
C ALA A 604 -21.72 9.21 -13.34
N CYS A 605 -20.46 9.46 -13.71
CA CYS A 605 -19.91 10.81 -13.78
C CYS A 605 -19.60 11.17 -15.22
N ARG A 606 -20.00 12.37 -15.63
CA ARG A 606 -19.79 12.85 -17.00
C ARG A 606 -18.98 14.13 -17.04
N SER A 607 -18.26 14.46 -15.97
CA SER A 607 -17.48 15.68 -15.92
C SER A 607 -16.29 15.46 -14.99
N PHE A 608 -15.33 16.40 -15.06
CA PHE A 608 -14.08 16.24 -14.32
C PHE A 608 -14.30 16.40 -12.82
N ALA A 609 -15.03 17.44 -12.40
CA ALA A 609 -15.21 17.70 -10.98
C ALA A 609 -15.98 16.60 -10.25
N PRO A 610 -17.13 16.11 -10.75
CA PRO A 610 -17.77 14.98 -10.07
C PRO A 610 -16.89 13.75 -9.97
N LEU A 611 -16.10 13.47 -11.01
CA LEU A 611 -15.19 12.33 -10.94
C LEU A 611 -14.12 12.55 -9.88
N VAL A 612 -13.60 13.77 -9.77
CA VAL A 612 -12.60 14.07 -8.75
C VAL A 612 -13.19 13.89 -7.36
N VAL A 613 -14.41 14.36 -7.15
CA VAL A 613 -15.06 14.22 -5.85
C VAL A 613 -15.31 12.75 -5.52
N SER A 614 -15.78 11.98 -6.51
CA SER A 614 -16.06 10.58 -6.27
C SER A 614 -14.79 9.78 -6.02
N LEU A 615 -13.67 10.17 -6.61
CA LEU A 615 -12.39 9.55 -6.30
C LEU A 615 -11.85 10.00 -4.94
N CYS A 616 -12.17 11.22 -4.52
CA CYS A 616 -11.80 11.67 -3.18
C CYS A 616 -12.50 10.84 -2.12
N GLY A 617 -13.79 10.52 -2.34
CA GLY A 617 -14.51 9.69 -1.39
C GLY A 617 -13.91 8.32 -1.20
N LEU A 618 -13.42 7.71 -2.28
CA LEU A 618 -12.79 6.40 -2.18
C LEU A 618 -11.55 6.43 -1.29
N CYS A 619 -10.68 7.42 -1.50
CA CYS A 619 -9.50 7.58 -0.67
C CYS A 619 -9.86 7.96 0.77
N PHE A 620 -10.97 8.65 0.98
CA PHE A 620 -11.43 8.90 2.35
C PHE A 620 -11.83 7.61 3.04
N GLY A 621 -12.51 6.71 2.31
CA GLY A 621 -12.88 5.42 2.91
C GLY A 621 -11.69 4.52 3.20
N ILE A 622 -10.73 4.49 2.28
CA ILE A 622 -9.55 3.63 2.46
C ILE A 622 -8.78 4.03 3.71
N ALA A 623 -8.65 5.34 3.95
CA ALA A 623 -7.94 5.81 5.13
C ALA A 623 -8.62 5.36 6.42
N LEU A 624 -9.95 5.45 6.46
CA LEU A 624 -10.69 4.99 7.63
C LEU A 624 -10.45 3.51 7.86
N VAL A 625 -10.56 2.70 6.81
CA VAL A 625 -10.41 1.25 6.96
C VAL A 625 -9.02 0.91 7.47
N ASP A 626 -7.99 1.51 6.86
CA ASP A 626 -6.62 1.18 7.25
C ASP A 626 -6.30 1.63 8.67
N THR A 627 -6.65 2.88 9.01
CA THR A 627 -6.37 3.40 10.34
C THR A 627 -7.17 2.68 11.42
N ALA A 628 -8.32 2.10 11.06
CA ALA A 628 -9.06 1.33 12.05
C ALA A 628 -8.55 -0.09 12.22
N LEU A 629 -8.09 -0.73 11.15
CA LEU A 629 -7.75 -2.15 11.21
C LEU A 629 -6.26 -2.45 11.33
N LEU A 630 -5.39 -1.44 11.27
CA LEU A 630 -3.97 -1.79 11.37
C LEU A 630 -3.52 -2.08 12.80
N PRO A 631 -3.82 -1.23 13.80
CA PRO A 631 -3.41 -1.58 15.17
C PRO A 631 -4.18 -2.73 15.79
N THR A 632 -5.32 -3.11 15.21
CA THR A 632 -6.09 -4.22 15.75
C THR A 632 -5.33 -5.54 15.66
N LEU A 633 -4.54 -5.73 14.59
CA LEU A 633 -3.74 -6.94 14.48
C LEU A 633 -2.71 -7.03 15.60
N ALA A 634 -2.05 -5.91 15.89
CA ALA A 634 -1.10 -5.88 16.99
C ALA A 634 -1.78 -6.14 18.33
N PHE A 635 -2.95 -5.56 18.54
CA PHE A 635 -3.69 -5.80 19.78
C PHE A 635 -4.07 -7.27 19.92
N LEU A 636 -4.55 -7.89 18.83
CA LEU A 636 -4.95 -9.28 18.88
C LEU A 636 -3.75 -10.19 19.17
N VAL A 637 -2.61 -9.90 18.55
CA VAL A 637 -1.42 -10.70 18.81
C VAL A 637 -0.95 -10.52 20.24
N ASP A 638 -1.04 -9.30 20.76
CA ASP A 638 -0.66 -9.06 22.16
C ASP A 638 -1.56 -9.83 23.12
N VAL A 639 -2.86 -9.88 22.84
CA VAL A 639 -3.83 -10.40 23.80
C VAL A 639 -4.12 -11.89 23.61
N ARG A 640 -3.70 -12.50 22.50
CA ARG A 640 -4.03 -13.90 22.25
C ARG A 640 -2.85 -14.77 21.80
N HIS A 641 -1.69 -14.20 21.50
CA HIS A 641 -0.55 -14.96 21.04
C HIS A 641 0.71 -14.39 21.68
N VAL A 642 1.87 -14.79 21.16
CA VAL A 642 3.14 -14.26 21.64
C VAL A 642 3.35 -12.87 21.06
N SER A 643 3.73 -11.92 21.91
CA SER A 643 3.82 -10.51 21.52
C SER A 643 5.06 -10.28 20.65
N VAL A 644 5.00 -10.82 19.44
CA VAL A 644 6.03 -10.60 18.42
C VAL A 644 5.32 -10.32 17.10
N TYR A 645 5.88 -9.39 16.33
CA TYR A 645 5.28 -8.96 15.07
C TYR A 645 6.25 -9.19 13.92
N GLY A 646 5.68 -9.35 12.73
CA GLY A 646 6.48 -9.64 11.56
C GLY A 646 5.89 -10.77 10.75
N SER A 647 5.32 -11.77 11.43
CA SER A 647 4.54 -12.79 10.76
C SER A 647 3.08 -12.41 10.63
N VAL A 648 2.68 -11.28 11.24
CA VAL A 648 1.29 -10.85 11.22
C VAL A 648 1.03 -9.80 10.15
N TYR A 649 1.93 -8.83 9.98
CA TYR A 649 1.82 -7.88 8.90
C TYR A 649 2.21 -8.48 7.56
N ALA A 650 2.87 -9.64 7.56
CA ALA A 650 3.08 -10.39 6.33
C ALA A 650 1.75 -10.80 5.72
N ILE A 651 0.75 -11.11 6.55
CA ILE A 651 -0.56 -11.48 6.05
C ILE A 651 -1.22 -10.29 5.36
N ALA A 652 -1.14 -9.11 5.97
CA ALA A 652 -1.69 -7.91 5.34
C ALA A 652 -0.99 -7.62 4.01
N ASP A 653 0.33 -7.75 3.99
CA ASP A 653 1.06 -7.57 2.75
C ASP A 653 0.65 -8.60 1.70
N ILE A 654 0.39 -9.83 2.13
CA ILE A 654 -0.04 -10.87 1.19
C ILE A 654 -1.39 -10.51 0.57
N SER A 655 -2.32 -10.02 1.39
CA SER A 655 -3.63 -9.63 0.87
C SER A 655 -3.52 -8.48 -0.12
N TYR A 656 -2.79 -7.43 0.26
CA TYR A 656 -2.60 -6.30 -0.63
C TYR A 656 -1.94 -6.74 -1.94
N SER A 657 -0.94 -7.60 -1.84
CA SER A 657 -0.21 -8.08 -3.00
C SER A 657 -1.08 -8.93 -3.91
N VAL A 658 -1.95 -9.78 -3.35
CA VAL A 658 -2.79 -10.62 -4.21
C VAL A 658 -3.78 -9.75 -4.97
N ALA A 659 -4.31 -8.71 -4.30
CA ALA A 659 -5.20 -7.79 -5.02
C ALA A 659 -4.46 -7.10 -6.17
N TYR A 660 -3.29 -6.52 -5.87
CA TYR A 660 -2.56 -5.76 -6.88
C TYR A 660 -1.86 -6.63 -7.91
N ALA A 661 -1.81 -7.94 -7.70
CA ALA A 661 -1.31 -8.86 -8.71
C ALA A 661 -2.42 -9.38 -9.61
N LEU A 662 -3.62 -9.56 -9.06
CA LEU A 662 -4.74 -9.97 -9.91
C LEU A 662 -5.25 -8.83 -10.77
N GLY A 663 -5.11 -7.58 -10.32
CA GLY A 663 -5.69 -6.46 -11.03
C GLY A 663 -5.25 -6.26 -12.47
N PRO A 664 -3.98 -5.85 -12.67
CA PRO A 664 -3.57 -5.31 -13.98
C PRO A 664 -3.41 -6.34 -15.09
N ILE A 665 -3.78 -7.59 -14.86
CA ILE A 665 -3.78 -8.59 -15.91
C ILE A 665 -5.18 -8.87 -16.45
N VAL A 666 -6.22 -8.75 -15.62
CA VAL A 666 -7.58 -9.07 -16.02
C VAL A 666 -8.50 -7.86 -16.07
N ALA A 667 -8.07 -6.71 -15.55
CA ALA A 667 -8.95 -5.54 -15.57
C ALA A 667 -9.32 -5.13 -16.99
N GLY A 668 -8.32 -5.10 -17.88
CA GLY A 668 -8.59 -4.71 -19.26
C GLY A 668 -9.49 -5.68 -19.99
N HIS A 669 -9.26 -6.98 -19.79
CA HIS A 669 -10.11 -7.99 -20.42
C HIS A 669 -11.54 -7.92 -19.90
N ILE A 670 -11.70 -7.70 -18.60
CA ILE A 670 -13.05 -7.55 -18.04
C ILE A 670 -13.74 -6.34 -18.63
N VAL A 671 -13.02 -5.23 -18.75
CA VAL A 671 -13.60 -4.02 -19.34
C VAL A 671 -14.00 -4.27 -20.80
N HIS A 672 -13.15 -4.96 -21.55
CA HIS A 672 -13.45 -5.23 -22.95
C HIS A 672 -14.67 -6.14 -23.10
N SER A 673 -14.79 -7.15 -22.24
CA SER A 673 -15.84 -8.15 -22.40
C SER A 673 -17.17 -7.75 -21.79
N LEU A 674 -17.18 -6.97 -20.71
CA LEU A 674 -18.42 -6.66 -20.01
C LEU A 674 -18.73 -5.17 -20.06
N GLY A 675 -17.71 -4.34 -20.08
CA GLY A 675 -17.89 -2.90 -20.07
C GLY A 675 -17.43 -2.29 -18.75
N PHE A 676 -17.14 -0.99 -18.81
CA PHE A 676 -16.65 -0.27 -17.64
C PHE A 676 -17.72 -0.04 -16.59
N GLU A 677 -18.98 0.06 -16.99
CA GLU A 677 -20.06 0.39 -16.06
C GLU A 677 -20.42 -0.76 -15.13
N GLN A 678 -19.97 -1.98 -15.41
CA GLN A 678 -20.33 -3.14 -14.62
C GLN A 678 -19.23 -3.61 -13.68
N LEU A 679 -17.96 -3.44 -14.05
CA LEU A 679 -16.86 -3.79 -13.16
C LEU A 679 -16.89 -2.93 -11.90
N SER A 680 -17.13 -1.62 -12.06
CA SER A 680 -17.23 -0.73 -10.92
C SER A 680 -18.41 -1.10 -10.03
N LEU A 681 -19.54 -1.46 -10.63
CA LEU A 681 -20.70 -1.90 -9.85
C LEU A 681 -20.39 -3.17 -9.08
N GLY A 682 -19.68 -4.12 -9.71
CA GLY A 682 -19.31 -5.35 -9.01
C GLY A 682 -18.38 -5.09 -7.84
N MET A 683 -17.39 -4.23 -8.03
CA MET A 683 -16.49 -3.89 -6.93
C MET A 683 -17.23 -3.21 -5.79
N GLY A 684 -18.11 -2.27 -6.12
CA GLY A 684 -18.90 -1.61 -5.08
C GLY A 684 -19.80 -2.58 -4.35
N LEU A 685 -20.42 -3.51 -5.08
CA LEU A 685 -21.28 -4.51 -4.46
C LEU A 685 -20.50 -5.40 -3.51
N ALA A 686 -19.31 -5.84 -3.92
CA ALA A 686 -18.49 -6.67 -3.04
C ALA A 686 -18.10 -5.92 -1.78
N ASN A 687 -17.69 -4.64 -1.92
CA ASN A 687 -17.31 -3.86 -0.75
C ASN A 687 -18.51 -3.65 0.17
N LEU A 688 -19.69 -3.39 -0.39
CA LEU A 688 -20.88 -3.21 0.44
C LEU A 688 -21.26 -4.50 1.15
N LEU A 689 -21.14 -5.64 0.47
CA LEU A 689 -21.52 -6.91 1.06
C LEU A 689 -20.57 -7.35 2.16
N TYR A 690 -19.28 -7.02 2.04
CA TYR A 690 -18.35 -7.39 3.11
C TYR A 690 -18.46 -6.51 4.35
N ALA A 691 -19.17 -5.38 4.27
CA ALA A 691 -19.24 -4.47 5.42
C ALA A 691 -19.85 -5.10 6.66
N PRO A 692 -21.01 -5.79 6.60
CA PRO A 692 -21.58 -6.36 7.83
C PRO A 692 -20.81 -7.54 8.39
N VAL A 693 -19.83 -8.07 7.66
CA VAL A 693 -19.05 -9.19 8.18
C VAL A 693 -18.21 -8.76 9.37
N LEU A 694 -17.82 -7.49 9.42
CA LEU A 694 -16.99 -6.95 10.50
C LEU A 694 -17.72 -6.88 11.84
N LEU A 695 -18.97 -7.33 11.96
CA LEU A 695 -19.63 -7.36 13.26
C LEU A 695 -19.09 -8.45 14.17
N LEU A 696 -18.27 -9.37 13.66
CA LEU A 696 -17.68 -10.41 14.48
C LEU A 696 -16.63 -9.88 15.43
N LEU A 697 -16.04 -8.72 15.14
CA LEU A 697 -15.07 -8.08 16.03
C LEU A 697 -15.73 -7.18 17.07
N ARG A 698 -17.03 -7.33 17.27
CA ARG A 698 -17.77 -6.46 18.18
C ARG A 698 -17.29 -6.63 19.62
N ASN A 699 -17.02 -7.86 20.03
CA ASN A 699 -16.72 -8.16 21.43
C ASN A 699 -15.23 -8.09 21.74
N VAL A 700 -14.37 -7.76 20.78
CA VAL A 700 -12.96 -7.59 21.10
C VAL A 700 -12.77 -6.36 21.98
N GLY A 701 -11.63 -6.33 22.67
CA GLY A 701 -11.38 -5.34 23.68
C GLY A 701 -11.72 -5.78 25.09
N LEU A 702 -12.55 -6.81 25.24
CA LEU A 702 -12.79 -7.46 26.52
C LEU A 702 -11.88 -8.65 26.75
N LEU A 703 -11.07 -9.02 25.76
CA LEU A 703 -10.18 -10.16 25.89
C LEU A 703 -9.01 -9.82 26.81
N THR A 704 -8.60 -10.80 27.61
CA THR A 704 -7.51 -10.61 28.55
C THR A 704 -6.32 -11.51 28.23
#